data_3MWS
#
_entry.id   3MWS
#
_cell.length_a   45.940
_cell.length_b   53.372
_cell.length_c   66.086
_cell.angle_alpha   90.00
_cell.angle_beta   90.00
_cell.angle_gamma   90.00
#
_symmetry.space_group_name_H-M   'P 21 21 21'
#
loop_
_entity.id
_entity.type
_entity.pdbx_description
1 polymer 'HIV-1 Protease'
2 non-polymer 'CHLORIDE ION'
3 non-polymer (3R,3AS,6AR)-HEXAHYDROFURO[2,3-B]FURAN-3-YL(1S,2R)-3-[[(4-AMINOPHENYL)SULFONYL](ISOBUTYL)AMINO]-1-BENZYL-2-HYDROXYPROPYLCARBAMATE
4 water water
#
_entity_poly.entity_id   1
_entity_poly.type   'polypeptide(L)'
_entity_poly.pdbx_seq_one_letter_code
;PQITLWQRPVITVKIGKEVREALLDTGADDTVIEEIQLEGKWKPKMIGGIGGFIKVRQYDNVTIDIQGRKAVGTVLVGPT
PVNIIGRNFLTQIGATLNF
;
_entity_poly.pdbx_strand_id   A,B
#
loop_
_chem_comp.id
_chem_comp.type
_chem_comp.name
_chem_comp.formula
017 non-polymer (3R,3AS,6AR)-HEXAHYDROFURO[2,3-B]FURAN-3-YL(1S,2R)-3-[[(4-AMINOPHENYL)SULFONYL](ISOBUTYL)AMINO]-1-BENZYL-2-HYDROXYPROPYLCARBAMATE 'C27 H37 N3 O7 S'
CL non-polymer 'CHLORIDE ION' 'Cl -1'
#
# COMPACT_ATOMS: atom_id res chain seq x y z
N PRO A 1 9.87 2.79 -15.77
CA PRO A 1 8.87 3.84 -15.92
C PRO A 1 8.87 4.72 -14.69
N GLN A 2 8.08 5.77 -14.85
CA GLN A 2 7.72 6.72 -13.82
C GLN A 2 6.20 6.71 -13.79
N ILE A 3 5.67 6.20 -12.69
CA ILE A 3 4.22 5.97 -12.59
C ILE A 3 3.63 6.98 -11.66
N THR A 4 2.70 7.81 -12.15
CA THR A 4 1.96 8.75 -11.30
C THR A 4 0.90 7.99 -10.54
N LEU A 5 0.22 8.71 -9.68
CA LEU A 5 -0.68 8.02 -8.71
C LEU A 5 -2.10 8.55 -8.84
N TRP A 6 -2.46 9.19 -9.96
CA TRP A 6 -3.83 9.65 -10.16
C TRP A 6 -4.79 8.46 -10.26
N GLN A 7 -4.31 7.32 -10.71
N GLN A 7 -4.28 7.34 -10.71
CA GLN A 7 -5.12 6.10 -10.63
CA GLN A 7 -4.97 6.07 -10.75
C GLN A 7 -4.30 5.07 -9.88
C GLN A 7 -4.29 5.08 -9.81
N ARG A 8 -4.97 4.01 -9.41
CA ARG A 8 -4.21 2.96 -8.71
C ARG A 8 -3.08 2.41 -9.56
N PRO A 9 -1.88 2.27 -9.04
N PRO A 9 -1.90 2.17 -9.00
CA PRO A 9 -0.76 1.69 -9.84
CA PRO A 9 -0.77 1.69 -9.84
C PRO A 9 -0.91 0.20 -9.94
C PRO A 9 -0.82 0.20 -10.03
N VAL A 10 -1.80 -0.24 -10.83
CA VAL A 10 -2.03 -1.63 -11.14
C VAL A 10 -1.24 -1.98 -12.40
N ILE A 11 -0.44 -3.02 -12.35
N ILE A 11 -0.45 -3.03 -12.35
CA ILE A 11 0.35 -3.45 -13.49
CA ILE A 11 0.42 -3.44 -13.45
C ILE A 11 0.16 -4.93 -13.71
C ILE A 11 0.19 -4.92 -13.70
N THR A 12 0.44 -5.38 -14.91
CA THR A 12 0.43 -6.77 -15.20
C THR A 12 1.78 -7.37 -14.86
N VAL A 13 1.79 -8.51 -14.21
N VAL A 13 1.73 -8.57 -14.34
CA VAL A 13 2.98 -9.23 -13.78
CA VAL A 13 2.99 -9.18 -13.89
C VAL A 13 2.83 -10.71 -14.05
C VAL A 13 2.89 -10.63 -14.24
N LYS A 14 3.97 -11.39 -14.18
CA LYS A 14 3.93 -12.86 -14.27
CA LYS A 14 3.92 -12.85 -14.27
C LYS A 14 4.39 -13.42 -12.93
N ILE A 15 3.56 -14.22 -12.25
N ILE A 15 3.55 -14.21 -12.27
CA ILE A 15 3.79 -14.75 -10.90
CA ILE A 15 3.89 -14.73 -10.94
C ILE A 15 3.87 -16.25 -11.05
C ILE A 15 3.86 -16.24 -11.04
N GLY A 16 5.02 -16.88 -10.84
CA GLY A 16 5.14 -18.28 -11.14
C GLY A 16 4.86 -18.40 -12.64
N LYS A 17 3.92 -19.31 -12.94
CA LYS A 17 3.67 -19.53 -14.38
CA LYS A 17 3.58 -19.60 -14.32
C LYS A 17 2.46 -18.71 -14.86
N GLU A 18 1.89 -17.82 -14.08
CA GLU A 18 0.60 -17.17 -14.38
C GLU A 18 0.71 -15.65 -14.54
N VAL A 19 0.13 -15.09 -15.61
CA VAL A 19 -0.06 -13.66 -15.72
C VAL A 19 -1.19 -13.20 -14.80
N ARG A 20 -0.93 -12.18 -14.03
CA ARG A 20 -1.91 -11.60 -13.12
CA ARG A 20 -1.91 -11.60 -13.13
C ARG A 20 -1.74 -10.09 -13.17
N GLU A 21 -2.73 -9.36 -12.65
CA GLU A 21 -2.56 -7.93 -12.39
C GLU A 21 -2.35 -7.78 -10.88
N ALA A 22 -1.66 -6.74 -10.49
CA ALA A 22 -1.48 -6.48 -9.07
C ALA A 22 -1.14 -5.01 -8.85
N LEU A 23 -1.43 -4.53 -7.68
CA LEU A 23 -1.27 -3.17 -7.23
C LEU A 23 0.12 -3.00 -6.62
N LEU A 24 0.87 -2.05 -7.12
CA LEU A 24 2.19 -1.73 -6.57
C LEU A 24 2.00 -0.94 -5.29
N ASP A 25 2.37 -1.57 -4.17
CA ASP A 25 1.94 -1.09 -2.88
C ASP A 25 3.09 -0.84 -1.88
N THR A 26 3.52 0.40 -1.82
CA THR A 26 4.63 0.72 -0.88
C THR A 26 4.21 0.53 0.58
N GLY A 27 2.92 0.50 0.88
CA GLY A 27 2.48 0.30 2.28
C GLY A 27 2.37 -1.16 2.64
N ALA A 28 2.66 -2.07 1.71
CA ALA A 28 2.58 -3.50 2.01
C ALA A 28 4.01 -4.05 2.19
N ASP A 29 4.26 -4.72 3.30
CA ASP A 29 5.59 -5.36 3.47
C ASP A 29 5.75 -6.51 2.50
N ASP A 30 4.68 -7.25 2.22
CA ASP A 30 4.80 -8.51 1.47
C ASP A 30 3.73 -8.54 0.39
N THR A 31 3.93 -9.38 -0.57
CA THR A 31 3.16 -9.54 -1.76
C THR A 31 2.08 -10.56 -1.43
N VAL A 32 0.84 -10.24 -1.78
CA VAL A 32 -0.32 -11.08 -1.44
C VAL A 32 -1.20 -11.20 -2.66
N ILE A 33 -1.47 -12.44 -3.03
CA ILE A 33 -2.29 -12.77 -4.20
C ILE A 33 -3.44 -13.64 -3.80
N GLU A 34 -4.62 -13.40 -4.37
CA GLU A 34 -5.72 -14.33 -4.11
C GLU A 34 -5.79 -15.42 -5.17
N GLU A 35 -5.93 -16.67 -4.73
N GLU A 35 -5.88 -16.68 -4.75
CA GLU A 35 -6.20 -17.78 -5.61
CA GLU A 35 -6.20 -17.83 -5.55
C GLU A 35 -5.15 -17.85 -6.71
C GLU A 35 -5.23 -18.07 -6.70
N ILE A 36 -3.99 -18.43 -6.29
CA ILE A 36 -2.97 -18.77 -7.28
C ILE A 36 -2.32 -20.03 -6.76
N GLN A 37 -2.11 -20.91 -7.71
CA GLN A 37 -1.39 -22.17 -7.66
C GLN A 37 0.10 -21.90 -7.75
N LEU A 38 0.77 -22.14 -6.64
CA LEU A 38 2.21 -21.92 -6.59
C LEU A 38 2.80 -23.27 -6.21
N GLU A 39 4.01 -23.48 -6.71
CA GLU A 39 4.67 -24.73 -6.40
C GLU A 39 5.52 -24.59 -5.15
N GLY A 40 5.81 -25.77 -4.62
CA GLY A 40 6.56 -25.86 -3.39
C GLY A 40 5.73 -25.97 -2.13
N LYS A 41 6.52 -26.09 -1.05
CA LYS A 41 5.95 -26.13 0.28
C LYS A 41 5.59 -24.73 0.76
N TRP A 42 4.65 -24.66 1.68
CA TRP A 42 4.15 -23.42 2.23
C TRP A 42 3.95 -23.60 3.73
N LYS A 43 3.86 -22.47 4.44
CA LYS A 43 3.58 -22.43 5.87
CA LYS A 43 3.56 -22.46 5.87
C LYS A 43 2.43 -21.44 6.07
N PRO A 44 1.53 -21.76 6.98
CA PRO A 44 0.42 -20.85 7.30
C PRO A 44 0.89 -19.66 8.13
N LYS A 45 0.43 -18.45 7.87
CA LYS A 45 0.72 -17.18 8.55
C LYS A 45 -0.57 -16.40 8.65
N MET A 46 -0.64 -15.39 9.48
CA MET A 46 -1.66 -14.36 9.43
CA MET A 46 -1.67 -14.37 9.34
C MET A 46 -0.95 -13.04 9.06
N ILE A 47 -1.70 -12.21 8.35
CA ILE A 47 -1.22 -10.86 8.16
C ILE A 47 -2.40 -9.95 8.52
N GLY A 48 -2.06 -8.73 8.91
CA GLY A 48 -3.09 -7.79 9.29
C GLY A 48 -2.99 -6.50 8.51
N GLY A 49 -4.16 -5.93 8.34
CA GLY A 49 -4.33 -4.67 7.64
C GLY A 49 -5.41 -3.83 8.23
N ILE A 50 -5.99 -2.89 7.53
N ILE A 50 -5.98 -2.91 7.50
CA ILE A 50 -6.78 -1.97 8.34
CA ILE A 50 -7.14 -2.11 7.89
C ILE A 50 -7.94 -2.67 9.04
C ILE A 50 -8.32 -3.10 7.89
N GLY A 51 -8.47 -3.77 8.47
N GLY A 51 -9.11 -3.11 8.99
CA GLY A 51 -9.76 -4.12 9.01
CA GLY A 51 -10.09 -4.12 9.17
C GLY A 51 -9.67 -5.50 9.66
C GLY A 51 -9.67 -5.35 9.94
N GLY A 52 -8.44 -5.81 9.99
CA GLY A 52 -8.12 -6.98 10.78
C GLY A 52 -7.24 -7.93 10.04
N PHE A 53 -7.29 -9.18 10.37
CA PHE A 53 -6.33 -10.17 9.86
C PHE A 53 -6.93 -11.12 8.84
N ILE A 54 -6.08 -11.66 7.94
CA ILE A 54 -6.41 -12.80 7.14
C ILE A 54 -5.32 -13.87 7.26
N LYS A 55 -5.74 -15.11 7.02
N LYS A 55 -5.77 -15.08 6.98
CA LYS A 55 -4.85 -16.26 7.01
CA LYS A 55 -4.94 -16.26 6.88
C LYS A 55 -4.36 -16.53 5.61
C LYS A 55 -4.36 -16.37 5.50
N VAL A 56 -3.06 -16.64 5.46
CA VAL A 56 -2.43 -16.87 4.17
C VAL A 56 -1.52 -18.11 4.20
N ARG A 57 -1.20 -18.55 2.98
CA ARG A 57 -0.17 -19.55 2.74
CA ARG A 57 -0.15 -19.55 2.80
C ARG A 57 1.09 -18.82 2.32
N GLN A 58 2.19 -19.06 2.98
CA GLN A 58 3.46 -18.44 2.61
C GLN A 58 4.30 -19.36 1.72
N TYR A 59 4.63 -18.93 0.53
CA TYR A 59 5.46 -19.62 -0.40
C TYR A 59 6.74 -18.82 -0.55
N ASP A 60 7.86 -19.49 -0.42
CA ASP A 60 9.11 -18.82 -0.65
C ASP A 60 9.59 -19.15 -2.06
N ASN A 61 10.52 -18.31 -2.52
CA ASN A 61 11.27 -18.57 -3.75
C ASN A 61 10.39 -18.62 -5.00
N VAL A 62 9.45 -17.72 -5.08
CA VAL A 62 8.58 -17.62 -6.24
C VAL A 62 9.16 -16.59 -7.20
N THR A 63 9.18 -16.92 -8.45
CA THR A 63 9.69 -15.96 -9.45
C THR A 63 8.58 -15.06 -9.97
N ILE A 64 8.90 -13.81 -10.11
N ILE A 64 8.79 -13.76 -10.01
CA ILE A 64 7.94 -12.74 -10.46
CA ILE A 64 7.83 -12.82 -10.59
C ILE A 64 8.60 -11.97 -11.58
C ILE A 64 8.62 -12.07 -11.66
N ASP A 65 7.91 -11.64 -12.67
CA ASP A 65 8.48 -10.80 -13.72
C ASP A 65 7.63 -9.56 -13.78
N ILE A 66 8.20 -8.40 -13.52
CA ILE A 66 7.49 -7.14 -13.67
C ILE A 66 8.15 -6.30 -14.75
N GLN A 67 7.51 -6.24 -15.92
CA GLN A 67 8.01 -5.46 -17.03
C GLN A 67 9.48 -5.80 -17.31
N GLY A 68 9.73 -7.10 -17.23
CA GLY A 68 11.08 -7.49 -17.67
C GLY A 68 12.03 -7.59 -16.52
N ARG A 69 11.66 -7.01 -15.38
CA ARG A 69 12.54 -7.11 -14.20
CA ARG A 69 12.49 -7.09 -14.18
C ARG A 69 12.10 -8.37 -13.46
N LYS A 70 13.06 -9.27 -13.31
CA LYS A 70 12.79 -10.57 -12.72
C LYS A 70 13.26 -10.56 -11.26
N ALA A 71 12.49 -11.23 -10.39
CA ALA A 71 12.81 -11.20 -8.97
C ALA A 71 12.35 -12.55 -8.43
N VAL A 72 12.95 -12.95 -7.34
CA VAL A 72 12.51 -14.15 -6.64
C VAL A 72 12.21 -13.80 -5.20
N GLY A 73 11.13 -14.32 -4.63
CA GLY A 73 10.93 -14.02 -3.20
C GLY A 73 9.60 -14.59 -2.75
N THR A 74 9.12 -14.08 -1.63
CA THR A 74 8.01 -14.69 -0.95
C THR A 74 6.69 -14.14 -1.50
N VAL A 75 5.73 -15.03 -1.70
CA VAL A 75 4.36 -14.65 -2.05
C VAL A 75 3.43 -15.29 -1.02
N LEU A 76 2.52 -14.47 -0.50
CA LEU A 76 1.46 -14.90 0.39
C LEU A 76 0.17 -15.09 -0.44
N VAL A 77 -0.49 -16.22 -0.20
CA VAL A 77 -1.71 -16.51 -0.93
C VAL A 77 -2.89 -16.54 0.06
N GLY A 78 -3.88 -15.71 -0.21
CA GLY A 78 -5.00 -15.66 0.70
C GLY A 78 -5.98 -14.59 0.21
N PRO A 79 -7.04 -14.43 0.99
CA PRO A 79 -8.23 -13.66 0.54
C PRO A 79 -8.01 -12.17 0.66
N THR A 80 -7.02 -11.64 -0.03
CA THR A 80 -6.89 -10.20 -0.14
C THR A 80 -7.94 -9.65 -1.08
N PRO A 81 -8.52 -8.49 -0.81
CA PRO A 81 -9.46 -7.86 -1.73
C PRO A 81 -8.90 -7.68 -3.15
N VAL A 82 -7.66 -7.22 -3.26
CA VAL A 82 -6.99 -7.08 -4.54
CA VAL A 82 -6.99 -7.05 -4.56
C VAL A 82 -5.57 -7.60 -4.41
N ASN A 83 -5.03 -8.07 -5.52
CA ASN A 83 -3.66 -8.53 -5.52
C ASN A 83 -2.69 -7.38 -5.27
N ILE A 84 -1.67 -7.65 -4.47
N ILE A 84 -1.67 -7.58 -4.46
CA ILE A 84 -0.69 -6.63 -4.09
CA ILE A 84 -0.74 -6.49 -4.17
C ILE A 84 0.74 -7.09 -4.31
C ILE A 84 0.71 -6.99 -4.25
N ILE A 85 1.56 -6.18 -4.86
CA ILE A 85 3.00 -6.39 -4.84
C ILE A 85 3.56 -5.47 -3.77
N GLY A 86 4.20 -6.08 -2.76
CA GLY A 86 4.72 -5.32 -1.65
C GLY A 86 6.21 -5.08 -1.75
N ARG A 87 6.75 -4.50 -0.67
CA ARG A 87 8.15 -4.04 -0.70
C ARG A 87 9.09 -5.19 -0.93
N ASN A 88 8.76 -6.40 -0.49
CA ASN A 88 9.73 -7.49 -0.69
C ASN A 88 10.07 -7.68 -2.15
N PHE A 89 9.15 -7.38 -3.09
CA PHE A 89 9.44 -7.43 -4.52
C PHE A 89 9.75 -6.05 -5.08
N LEU A 90 9.16 -4.98 -4.54
CA LEU A 90 9.50 -3.67 -5.07
C LEU A 90 11.00 -3.42 -4.93
N THR A 91 11.58 -3.80 -3.81
CA THR A 91 13.02 -3.55 -3.67
C THR A 91 13.77 -4.35 -4.72
N GLN A 92 13.37 -5.56 -5.04
CA GLN A 92 14.12 -6.43 -5.93
CA GLN A 92 14.11 -6.45 -5.92
C GLN A 92 14.04 -5.98 -7.36
N ILE A 93 13.10 -5.12 -7.74
N ILE A 93 13.09 -5.13 -7.73
CA ILE A 93 13.19 -4.70 -9.16
CA ILE A 93 12.99 -4.60 -9.12
C ILE A 93 13.63 -3.24 -9.23
C ILE A 93 13.52 -3.19 -9.21
N GLY A 94 14.09 -2.72 -8.08
CA GLY A 94 14.66 -1.39 -8.04
C GLY A 94 13.66 -0.26 -8.04
N ALA A 95 12.49 -0.48 -7.43
CA ALA A 95 11.52 0.60 -7.41
C ALA A 95 11.76 1.52 -6.21
N THR A 96 11.52 2.81 -6.46
CA THR A 96 11.61 3.85 -5.45
C THR A 96 10.37 4.72 -5.51
N LEU A 97 10.10 5.36 -4.38
CA LEU A 97 9.06 6.34 -4.30
C LEU A 97 9.76 7.69 -4.32
N ASN A 98 9.37 8.56 -5.22
CA ASN A 98 10.06 9.83 -5.41
C ASN A 98 9.11 11.00 -5.29
N PHE A 99 9.57 12.11 -4.72
CA PHE A 99 8.82 13.38 -4.77
C PHE A 99 9.78 14.53 -4.53
N PRO B 1 12.68 13.75 -2.25
CA PRO B 1 13.74 12.72 -2.12
C PRO B 1 13.35 11.48 -2.94
N GLN B 2 14.33 10.58 -3.09
CA GLN B 2 14.18 9.26 -3.66
C GLN B 2 14.18 8.32 -2.49
N ILE B 3 13.06 7.63 -2.30
CA ILE B 3 12.96 6.76 -1.13
C ILE B 3 13.03 5.31 -1.56
N THR B 4 14.04 4.60 -1.08
CA THR B 4 14.11 3.15 -1.36
C THR B 4 13.15 2.45 -0.41
N LEU B 5 12.91 1.16 -0.64
CA LEU B 5 11.83 0.49 0.04
C LEU B 5 12.35 -0.67 0.88
N TRP B 6 13.66 -0.66 1.23
CA TRP B 6 14.22 -1.70 2.10
C TRP B 6 13.60 -1.60 3.49
N GLN B 7 13.12 -0.42 3.88
CA GLN B 7 12.33 -0.30 5.11
CA GLN B 7 12.33 -0.35 5.11
C GLN B 7 11.02 0.37 4.75
N ARG B 8 10.09 0.34 5.68
CA ARG B 8 8.83 1.05 5.40
C ARG B 8 9.03 2.52 5.16
N PRO B 9 8.35 3.10 4.18
CA PRO B 9 8.53 4.55 3.93
C PRO B 9 7.70 5.41 4.86
N VAL B 10 8.14 5.45 6.10
CA VAL B 10 7.50 6.20 7.17
C VAL B 10 8.20 7.56 7.22
N ILE B 11 7.42 8.62 7.20
CA ILE B 11 7.97 9.97 7.22
CA ILE B 11 8.01 9.95 7.28
C ILE B 11 7.24 10.82 8.24
N THR B 12 7.89 11.82 8.78
CA THR B 12 7.19 12.80 9.61
C THR B 12 6.49 13.82 8.74
N VAL B 13 5.25 14.12 9.10
CA VAL B 13 4.44 15.07 8.37
C VAL B 13 3.77 15.99 9.37
N LYS B 14 3.19 17.06 8.90
CA LYS B 14 2.29 17.85 9.73
CA LYS B 14 2.28 17.83 9.73
C LYS B 14 0.89 17.69 9.15
N ILE B 15 -0.09 17.28 9.95
CA ILE B 15 -1.45 17.12 9.49
C ILE B 15 -2.33 18.03 10.31
N GLY B 16 -2.99 18.98 9.67
CA GLY B 16 -3.77 19.95 10.46
C GLY B 16 -2.91 20.61 11.53
N LYS B 17 -1.68 20.99 11.24
N LYS B 17 -1.69 20.88 11.14
CA LYS B 17 -0.72 21.63 12.13
CA LYS B 17 -0.58 21.50 11.87
C LYS B 17 -0.26 20.73 13.31
C LYS B 17 0.02 20.64 12.99
N GLU B 18 -0.46 19.43 13.24
CA GLU B 18 0.06 18.50 14.23
C GLU B 18 1.12 17.58 13.65
N VAL B 19 2.25 17.45 14.31
CA VAL B 19 3.31 16.58 13.80
C VAL B 19 2.88 15.14 14.04
N ARG B 20 2.93 14.31 13.02
CA ARG B 20 2.60 12.91 13.07
C ARG B 20 3.56 12.13 12.19
N GLU B 21 3.75 10.85 12.44
CA GLU B 21 4.45 10.03 11.45
C GLU B 21 3.38 9.29 10.64
N ALA B 22 3.71 9.00 9.39
CA ALA B 22 2.77 8.24 8.53
C ALA B 22 3.53 7.51 7.46
N LEU B 23 2.90 6.45 7.00
CA LEU B 23 3.42 5.55 5.96
C LEU B 23 2.98 6.05 4.59
N LEU B 24 3.93 6.30 3.70
CA LEU B 24 3.58 6.72 2.32
C LEU B 24 3.17 5.47 1.59
N ASP B 25 1.88 5.46 1.22
CA ASP B 25 1.27 4.21 0.79
C ASP B 25 0.60 4.30 -0.57
N THR B 26 1.29 3.83 -1.62
CA THR B 26 0.75 3.89 -2.96
C THR B 26 -0.45 2.97 -3.14
N GLY B 27 -0.65 2.01 -2.25
CA GLY B 27 -1.79 1.08 -2.28
C GLY B 27 -3.01 1.63 -1.60
N ALA B 28 -2.94 2.82 -1.02
CA ALA B 28 -4.07 3.44 -0.32
C ALA B 28 -4.67 4.54 -1.16
N ASP B 29 -5.96 4.51 -1.42
CA ASP B 29 -6.60 5.59 -2.15
C ASP B 29 -6.63 6.87 -1.32
N ASP B 30 -6.81 6.67 -0.03
CA ASP B 30 -7.16 7.73 0.90
C ASP B 30 -6.15 7.77 2.07
N THR B 31 -6.03 8.87 2.72
CA THR B 31 -5.18 9.11 3.87
C THR B 31 -5.98 8.83 5.14
N VAL B 32 -5.41 8.01 6.01
N VAL B 32 -5.42 8.04 6.03
CA VAL B 32 -6.14 7.56 7.21
CA VAL B 32 -6.22 7.68 7.23
C VAL B 32 -5.20 7.77 8.39
C VAL B 32 -5.27 7.70 8.41
N ILE B 33 -5.72 8.42 9.42
CA ILE B 33 -4.95 8.71 10.63
C ILE B 33 -5.78 8.31 11.85
N GLU B 34 -5.11 7.75 12.87
CA GLU B 34 -5.85 7.37 14.08
C GLU B 34 -5.68 8.47 15.15
N GLU B 35 -6.79 8.91 15.71
CA GLU B 35 -6.87 9.77 16.88
C GLU B 35 -6.27 11.15 16.66
N ILE B 36 -7.04 11.94 15.89
CA ILE B 36 -6.72 13.33 15.65
C ILE B 36 -8.04 14.11 15.47
N GLN B 37 -8.07 15.34 15.94
CA GLN B 37 -9.23 16.21 15.74
C GLN B 37 -8.84 17.23 14.67
N LEU B 38 -9.62 17.34 13.63
CA LEU B 38 -9.26 18.23 12.55
C LEU B 38 -10.27 19.33 12.40
N GLU B 39 -10.07 20.25 11.46
CA GLU B 39 -11.00 21.36 11.32
C GLU B 39 -12.27 20.97 10.61
N GLY B 40 -13.35 21.70 10.87
CA GLY B 40 -14.54 21.63 10.06
C GLY B 40 -15.42 20.48 10.53
N LYS B 41 -16.43 20.29 9.73
CA LYS B 41 -17.39 19.23 10.06
CA LYS B 41 -17.43 19.26 9.95
C LYS B 41 -16.84 17.96 9.42
N TRP B 42 -17.16 16.82 9.97
CA TRP B 42 -16.83 15.54 9.39
C TRP B 42 -18.10 14.79 9.00
N LYS B 43 -17.92 13.82 8.12
CA LYS B 43 -18.97 12.94 7.60
C LYS B 43 -18.60 11.51 7.87
N PRO B 44 -19.49 10.66 8.35
CA PRO B 44 -19.12 9.26 8.58
C PRO B 44 -19.02 8.48 7.29
N LYS B 45 -18.04 7.60 7.22
CA LYS B 45 -17.81 6.79 6.05
C LYS B 45 -17.30 5.43 6.52
N MET B 46 -17.27 4.49 5.59
N MET B 46 -17.25 4.51 5.56
CA MET B 46 -16.67 3.18 5.82
CA MET B 46 -16.70 3.18 5.76
C MET B 46 -15.62 2.92 4.75
C MET B 46 -15.63 2.91 4.72
N ILE B 47 -14.51 2.31 5.12
CA ILE B 47 -13.52 1.93 4.11
C ILE B 47 -13.10 0.49 4.39
N GLY B 48 -12.62 -0.15 3.36
CA GLY B 48 -12.20 -1.53 3.54
C GLY B 48 -10.73 -1.70 3.17
N GLY B 49 -10.17 -2.71 3.79
CA GLY B 49 -8.78 -3.02 3.57
C GLY B 49 -8.67 -4.53 3.58
N ILE B 50 -7.54 -5.16 3.87
N ILE B 50 -7.44 -4.90 3.83
CA ILE B 50 -7.22 -6.55 4.17
CA ILE B 50 -7.24 -6.30 3.58
C ILE B 50 -7.74 -6.87 5.59
C ILE B 50 -8.14 -7.08 4.52
N GLY B 51 -8.52 -7.96 5.73
N GLY B 51 -8.57 -6.62 5.71
CA GLY B 51 -9.32 -8.15 6.94
CA GLY B 51 -9.05 -7.60 6.67
C GLY B 51 -10.68 -7.49 7.02
C GLY B 51 -10.53 -7.42 6.97
N GLY B 52 -11.10 -6.47 6.26
CA GLY B 52 -12.48 -6.01 6.46
C GLY B 52 -12.59 -4.47 6.48
N PHE B 53 -13.71 -4.01 7.06
CA PHE B 53 -14.09 -2.61 7.02
C PHE B 53 -13.83 -1.94 8.35
N ILE B 54 -13.55 -0.64 8.30
CA ILE B 54 -13.55 0.17 9.51
C ILE B 54 -14.39 1.41 9.24
N LYS B 55 -14.95 1.96 10.32
CA LYS B 55 -15.65 3.22 10.28
C LYS B 55 -14.66 4.35 10.43
N VAL B 56 -14.86 5.44 9.70
CA VAL B 56 -13.98 6.62 9.79
C VAL B 56 -14.81 7.90 9.76
N ARG B 57 -14.22 8.97 10.24
CA ARG B 57 -14.73 10.32 10.12
C ARG B 57 -13.98 10.98 8.95
N GLN B 58 -14.71 11.47 7.97
CA GLN B 58 -14.09 12.14 6.82
C GLN B 58 -14.07 13.62 7.01
N TYR B 59 -12.90 14.23 7.03
CA TYR B 59 -12.71 15.66 7.06
C TYR B 59 -12.15 16.14 5.71
N ASP B 60 -12.73 17.19 5.19
CA ASP B 60 -12.30 17.67 3.89
C ASP B 60 -11.40 18.88 4.13
N ASN B 61 -10.62 19.28 3.15
CA ASN B 61 -9.79 20.47 3.26
C ASN B 61 -8.91 20.60 4.51
N VAL B 62 -8.21 19.53 4.78
CA VAL B 62 -7.15 19.47 5.78
C VAL B 62 -5.80 19.70 5.11
N THR B 63 -4.95 20.49 5.70
CA THR B 63 -3.61 20.71 5.15
C THR B 63 -2.65 19.67 5.68
N ILE B 64 -1.86 19.15 4.75
CA ILE B 64 -0.75 18.27 5.17
C ILE B 64 0.54 18.89 4.64
N ASP B 65 1.57 18.92 5.42
CA ASP B 65 2.92 19.36 4.98
C ASP B 65 3.83 18.17 5.03
N ILE B 66 4.41 17.81 3.90
CA ILE B 66 5.35 16.70 3.78
C ILE B 66 6.69 17.29 3.32
N GLN B 67 7.62 17.47 4.25
CA GLN B 67 8.96 18.01 3.91
C GLN B 67 8.88 19.24 3.01
N GLY B 68 8.00 20.17 3.42
CA GLY B 68 7.94 21.47 2.71
C GLY B 68 6.91 21.51 1.62
N ARG B 69 6.33 20.40 1.22
CA ARG B 69 5.27 20.32 0.24
C ARG B 69 3.92 20.41 0.94
N LYS B 70 3.15 21.39 0.58
CA LYS B 70 1.83 21.57 1.18
C LYS B 70 0.77 21.06 0.22
N ALA B 71 -0.22 20.38 0.79
CA ALA B 71 -1.39 19.98 0.02
C ALA B 71 -2.60 20.12 0.93
N VAL B 72 -3.77 20.26 0.31
CA VAL B 72 -5.00 20.30 1.12
C VAL B 72 -5.92 19.22 0.60
N GLY B 73 -6.61 18.51 1.45
CA GLY B 73 -7.43 17.42 0.91
C GLY B 73 -8.12 16.70 2.08
N THR B 74 -8.63 15.54 1.69
CA THR B 74 -9.46 14.78 2.63
C THR B 74 -8.62 13.88 3.48
N VAL B 75 -8.94 13.84 4.77
CA VAL B 75 -8.31 12.93 5.71
C VAL B 75 -9.42 12.16 6.41
N LEU B 76 -9.23 10.86 6.51
CA LEU B 76 -10.11 9.92 7.19
C LEU B 76 -9.54 9.63 8.57
N VAL B 77 -10.36 9.69 9.58
CA VAL B 77 -9.89 9.46 10.94
C VAL B 77 -10.58 8.22 11.50
N GLY B 78 -9.80 7.25 11.92
CA GLY B 78 -10.42 6.01 12.42
C GLY B 78 -9.30 5.05 12.79
N PRO B 79 -9.70 3.84 13.22
CA PRO B 79 -8.77 2.89 13.84
C PRO B 79 -7.90 2.16 12.87
N THR B 80 -7.13 2.87 12.07
CA THR B 80 -6.16 2.19 11.22
C THR B 80 -5.02 1.71 12.10
N PRO B 81 -4.42 0.56 11.79
CA PRO B 81 -3.27 0.08 12.60
C PRO B 81 -2.10 1.06 12.58
N VAL B 82 -1.81 1.67 11.41
CA VAL B 82 -0.74 2.67 11.32
CA VAL B 82 -0.75 2.67 11.35
C VAL B 82 -1.25 3.83 10.50
N ASN B 83 -0.76 5.03 10.73
CA ASN B 83 -1.16 6.17 9.93
C ASN B 83 -0.63 5.99 8.51
N ILE B 84 -1.50 6.35 7.55
CA ILE B 84 -1.10 6.17 6.12
CA ILE B 84 -1.20 6.17 6.12
C ILE B 84 -1.46 7.43 5.33
N ILE B 85 -0.53 7.81 4.45
CA ILE B 85 -0.82 8.86 3.48
CA ILE B 85 -0.74 8.86 3.47
C ILE B 85 -1.01 8.17 2.14
N GLY B 86 -2.21 8.39 1.59
CA GLY B 86 -2.61 7.73 0.38
C GLY B 86 -2.50 8.60 -0.87
N ARG B 87 -2.99 8.05 -1.95
CA ARG B 87 -2.79 8.71 -3.26
C ARG B 87 -3.43 10.07 -3.30
N ASN B 88 -4.51 10.34 -2.57
CA ASN B 88 -5.14 11.65 -2.65
C ASN B 88 -4.20 12.78 -2.26
N PHE B 89 -3.21 12.49 -1.38
CA PHE B 89 -2.18 13.48 -1.09
C PHE B 89 -0.89 13.22 -1.86
N LEU B 90 -0.53 11.97 -2.13
CA LEU B 90 0.71 11.71 -2.88
C LEU B 90 0.65 12.38 -4.27
N THR B 91 -0.53 12.38 -4.91
CA THR B 91 -0.61 13.08 -6.20
C THR B 91 -0.39 14.55 -6.07
N GLN B 92 -0.80 15.17 -4.98
CA GLN B 92 -0.70 16.59 -4.73
CA GLN B 92 -0.70 16.62 -4.86
C GLN B 92 0.73 17.07 -4.58
N ILE B 93 1.60 16.16 -4.17
CA ILE B 93 3.03 16.53 -3.99
C ILE B 93 3.83 15.99 -5.15
N GLY B 94 3.20 15.43 -6.17
CA GLY B 94 3.86 14.99 -7.39
C GLY B 94 4.69 13.75 -7.14
N ALA B 95 4.30 12.88 -6.19
CA ALA B 95 5.01 11.64 -5.96
C ALA B 95 4.77 10.63 -7.07
N THR B 96 5.83 9.90 -7.39
CA THR B 96 5.76 8.86 -8.41
C THR B 96 6.50 7.63 -7.95
N LEU B 97 6.11 6.49 -8.51
CA LEU B 97 6.86 5.24 -8.37
CA LEU B 97 6.84 5.24 -8.40
C LEU B 97 7.76 5.09 -9.59
N ASN B 98 9.03 4.80 -9.37
CA ASN B 98 9.99 4.75 -10.44
C ASN B 98 10.76 3.45 -10.41
N PHE B 99 10.93 2.80 -11.56
CA PHE B 99 11.85 1.67 -11.60
C PHE B 99 12.44 1.54 -13.01
CL CL C . -5.38 -11.02 -12.32
N1 017 D . -8.44 4.49 2.05
N1 017 D . 2.01 -8.19 3.44
C2 017 D . -7.89 3.46 2.31
C2 017 D . 0.94 -7.26 3.52
C3 017 D . -6.57 3.51 2.74
C3 017 D . 0.33 -6.82 2.36
C4 017 D . -5.92 2.35 3.05
C4 017 D . -0.72 -5.90 2.43
C5 017 D . -6.50 1.10 2.96
C5 017 D . -1.18 -5.43 3.63
C6 017 D . -7.82 1.07 2.53
C6 017 D . -0.57 -5.87 4.80
C7 017 D . -8.51 2.22 2.21
C7 017 D . 0.48 -6.79 4.75
S8 017 D . -5.60 -0.34 3.38
S8 017 D . -2.49 -4.29 3.66
O9 017 D . -4.71 0.02 4.51
O9 017 D . -3.31 -4.45 2.44
O10 017 D . -6.54 -1.39 3.73
O10 017 D . -3.27 -4.52 4.86
N11 017 D . -4.62 -0.78 2.15
N11 017 D . -1.92 -2.75 3.63
C12 017 D . -5.30 -1.10 0.92
C12 017 D . -1.14 -2.39 4.79
C13 017 D . -4.58 -2.15 0.07
C13 017 D . -1.35 -0.97 5.28
C14 017 D . -4.55 -3.50 0.82
C14 017 D . -2.77 -0.67 5.77
C15 017 D . -5.39 -2.29 -1.25
C15 017 D . -0.32 -0.61 6.36
C16 017 D . -3.33 -0.19 2.02
C16 017 D . -1.47 -2.23 2.36
C17 017 D . -2.18 -1.15 2.27
C17 017 D . -2.31 -1.04 1.94
O18 017 D . -0.94 -0.58 1.83
O18 017 D . -1.64 -0.38 0.88
C19 017 D . -1.99 -1.55 3.73
C19 017 D . -3.71 -1.42 1.47
N20 017 D . -1.07 -2.69 3.72
N20 017 D . -4.49 -0.19 1.26
C21 017 D . -1.37 -3.94 4.04
C21 017 D . -5.46 0.22 2.13
O22 017 D . -2.51 -4.33 4.41
O22 017 D . -5.78 -0.43 3.16
O23 017 D . -0.30 -4.74 3.90
O23 017 D . -6.02 1.37 1.73
C24 017 D . -0.42 -6.08 4.35
C24 017 D . -7.27 1.77 2.35
C25 017 D . 0.47 -6.97 3.45
C25 017 D . -7.30 3.30 2.48
O26 017 D . 1.79 -6.67 3.94
O26 017 D . -7.49 3.75 1.12
C27 017 D . 1.73 -6.46 5.36
C27 017 D . -8.43 2.85 0.57
O28 017 D . 2.50 -5.30 5.69
O28 017 D . -8.01 2.50 -0.75
C29 017 D . 1.61 -4.30 6.17
C29 017 D . -7.59 1.12 -0.76
C30 017 D . 0.36 -5.03 6.65
C30 017 D . -8.29 0.45 0.41
C31 017 D . 0.27 -6.22 5.71
C31 017 D . -8.46 1.60 1.40
C32 017 D . -1.44 -0.44 4.64
C32 017 D . -3.77 -2.21 0.15
C33 017 D . -0.09 -1.12 6.65
C33 017 D . -5.82 -1.97 -1.35
C34 017 D . 0.07 -1.61 7.95
C34 017 D . -7.12 -2.28 -1.68
C35 017 D . -1.05 -2.04 8.64
C35 017 D . -7.89 -3.09 -0.87
C36 017 D . -2.32 -1.92 8.09
C36 017 D . -7.27 -3.73 0.20
C37 017 D . -2.46 -1.40 6.79
C37 017 D . -5.97 -3.46 0.53
C38 017 D . -1.35 -1.00 6.08
C38 017 D . -5.21 -2.56 -0.23
#